data_5HDN
#
_entry.id   5HDN
#
_cell.length_a   39.415
_cell.length_b   127.367
_cell.length_c   55.268
_cell.angle_alpha   90.00
_cell.angle_beta   100.55
_cell.angle_gamma   90.00
#
_symmetry.space_group_name_H-M   'P 1 21 1'
#
loop_
_entity.id
_entity.type
_entity.pdbx_description
1 polymer 'Heat shock factor protein 1'
2 polymer "DNA (5'-D(*GP*GP*TP*TP*CP*TP*AP*GP*AP*AP*CP*C)-3')"
3 non-polymer 'CITRIC ACID'
4 non-polymer 'SODIUM ION'
5 water water
#
loop_
_entity_poly.entity_id
_entity_poly.type
_entity_poly.pdbx_seq_one_letter_code
_entity_poly.pdbx_strand_id
1 'polypeptide(L)'
;HHHHHHVPAFLTKLWTLVSDPDTDALICWSPSGNSFHVFDQGQFAKEVLPKYFKHNNMASFVRQLNMYGFRKVVHIEQGG
LVKPERDDTEFQHPCFLRGQEQLLENIKRKVT
;
A,B,C,D
2 'polydeoxyribonucleotide' (DG)(DG)(DT)(DT)(DC)(DT)(DA)(DG)(DA)(DA)(DC)(DC) E,F,G,H
#
# COMPACT_ATOMS: atom_id res chain seq x y z
N HIS A 6 7.14 -4.33 -34.15
CA HIS A 6 5.81 -4.93 -33.96
C HIS A 6 5.27 -4.74 -32.54
N VAL A 7 4.11 -4.12 -32.42
CA VAL A 7 3.45 -3.92 -31.13
C VAL A 7 2.80 -5.22 -30.69
N PRO A 8 3.05 -5.66 -29.46
CA PRO A 8 2.43 -6.92 -29.03
C PRO A 8 0.92 -6.85 -29.11
N ALA A 9 0.30 -7.95 -29.50
CA ALA A 9 -1.14 -8.03 -29.61
C ALA A 9 -1.85 -7.66 -28.31
N PHE A 10 -1.25 -7.98 -27.18
CA PHE A 10 -1.85 -7.64 -25.90
C PHE A 10 -2.18 -6.15 -25.86
N LEU A 11 -1.23 -5.34 -26.34
CA LEU A 11 -1.37 -3.89 -26.18
C LEU A 11 -2.36 -3.31 -27.19
N THR A 12 -2.30 -3.81 -28.42
CA THR A 12 -3.20 -3.33 -29.45
C THR A 12 -4.64 -3.72 -29.13
N LYS A 13 -4.83 -4.95 -28.68
CA LYS A 13 -6.17 -5.39 -28.29
C LYS A 13 -6.70 -4.58 -27.12
N LEU A 14 -5.84 -4.31 -26.14
CA LEU A 14 -6.26 -3.55 -24.96
C LEU A 14 -6.68 -2.13 -25.33
N TRP A 15 -5.89 -1.49 -26.18
CA TRP A 15 -6.18 -0.13 -26.60
C TRP A 15 -7.51 -0.07 -27.34
N THR A 16 -7.74 -1.02 -28.23
CA THR A 16 -8.97 -1.05 -29.00
C THR A 16 -10.16 -1.33 -28.07
N LEU A 17 -9.95 -2.24 -27.12
CA LEU A 17 -10.99 -2.60 -26.15
C LEU A 17 -11.39 -1.42 -25.26
N VAL A 18 -10.39 -0.73 -24.70
CA VAL A 18 -10.66 0.46 -23.88
C VAL A 18 -11.46 1.46 -24.70
N SER A 19 -11.01 1.68 -25.93
CA SER A 19 -11.57 2.72 -26.78
C SER A 19 -12.99 2.41 -27.23
N ASP A 20 -13.34 1.13 -27.31
CA ASP A 20 -14.65 0.73 -27.81
C ASP A 20 -15.76 1.17 -26.86
N PRO A 21 -16.66 2.06 -27.32
CA PRO A 21 -17.71 2.55 -26.42
C PRO A 21 -18.64 1.45 -25.91
N ASP A 22 -18.74 0.36 -26.66
CA ASP A 22 -19.67 -0.72 -26.30
C ASP A 22 -19.24 -1.50 -25.05
N THR A 23 -17.97 -1.37 -24.67
CA THR A 23 -17.47 -2.07 -23.48
C THR A 23 -17.27 -1.16 -22.28
N ASP A 24 -17.68 0.10 -22.41
CA ASP A 24 -17.33 1.13 -21.44
C ASP A 24 -17.89 0.88 -20.03
N ALA A 25 -18.94 0.09 -19.88
CA ALA A 25 -19.45 -0.24 -18.55
C ALA A 25 -18.42 -1.04 -17.76
N LEU A 26 -17.53 -1.73 -18.46
CA LEU A 26 -16.53 -2.56 -17.79
C LEU A 26 -15.09 -2.06 -17.97
N ILE A 27 -14.83 -1.37 -19.09
CA ILE A 27 -13.48 -0.87 -19.34
C ILE A 27 -13.52 0.34 -20.29
N CYS A 28 -12.95 1.45 -19.83
CA CYS A 28 -13.08 2.72 -20.54
C CYS A 28 -11.93 3.67 -20.21
N TRP A 29 -11.75 4.68 -21.04
CA TRP A 29 -10.79 5.75 -20.72
C TRP A 29 -11.27 6.61 -19.56
N SER A 30 -10.32 7.16 -18.80
CA SER A 30 -10.62 8.22 -17.84
C SER A 30 -11.02 9.47 -18.62
N PRO A 31 -11.64 10.44 -17.94
CA PRO A 31 -12.06 11.66 -18.64
C PRO A 31 -10.90 12.34 -19.36
N SER A 32 -9.72 12.37 -18.73
CA SER A 32 -8.54 13.01 -19.29
C SER A 32 -7.92 12.23 -20.45
N GLY A 33 -8.28 10.95 -20.56
CA GLY A 33 -7.67 10.10 -21.56
C GLY A 33 -6.30 9.55 -21.20
N ASN A 34 -5.84 9.84 -19.99
CA ASN A 34 -4.50 9.44 -19.55
C ASN A 34 -4.42 8.08 -18.90
N SER A 35 -5.58 7.50 -18.56
CA SER A 35 -5.67 6.27 -17.78
C SER A 35 -6.89 5.50 -18.26
N PHE A 36 -7.00 4.23 -17.88
CA PHE A 36 -8.27 3.53 -18.10
C PHE A 36 -8.74 2.88 -16.83
N HIS A 37 -10.05 2.66 -16.77
CA HIS A 37 -10.69 1.98 -15.65
C HIS A 37 -11.12 0.59 -16.03
N VAL A 38 -11.00 -0.34 -15.08
CA VAL A 38 -11.68 -1.64 -15.13
C VAL A 38 -12.69 -1.69 -14.00
N PHE A 39 -13.97 -1.89 -14.34
CA PHE A 39 -15.05 -1.94 -13.36
C PHE A 39 -15.52 -3.38 -13.20
N ASP A 40 -15.91 -3.76 -11.99
CA ASP A 40 -16.59 -5.05 -11.77
C ASP A 40 -15.73 -6.20 -12.29
N GLN A 41 -14.59 -6.40 -11.66
CA GLN A 41 -13.60 -7.35 -12.17
C GLN A 41 -14.16 -8.75 -12.38
N GLY A 42 -15.12 -9.15 -11.53
CA GLY A 42 -15.71 -10.47 -11.67
C GLY A 42 -16.42 -10.62 -13.00
N GLN A 43 -17.14 -9.59 -13.40
CA GLN A 43 -17.82 -9.56 -14.69
C GLN A 43 -16.83 -9.34 -15.84
N PHE A 44 -15.84 -8.50 -15.61
CA PHE A 44 -14.77 -8.31 -16.58
C PHE A 44 -14.11 -9.64 -16.95
N ALA A 45 -13.76 -10.42 -15.92
CA ALA A 45 -13.17 -11.73 -16.13
C ALA A 45 -14.10 -12.68 -16.90
N LYS A 46 -15.42 -12.52 -16.73
CA LYS A 46 -16.35 -13.45 -17.33
C LYS A 46 -16.74 -13.08 -18.77
N GLU A 47 -16.94 -11.80 -19.01
CA GLU A 47 -17.41 -11.33 -20.30
C GLU A 47 -16.30 -10.90 -21.24
N VAL A 48 -15.27 -10.24 -20.70
CA VAL A 48 -14.29 -9.61 -21.56
C VAL A 48 -13.07 -10.48 -21.82
N LEU A 49 -12.49 -11.03 -20.76
CA LEU A 49 -11.26 -11.81 -20.90
C LEU A 49 -11.38 -12.98 -21.87
N PRO A 50 -12.47 -13.77 -21.78
CA PRO A 50 -12.61 -14.92 -22.69
C PRO A 50 -12.64 -14.53 -24.17
N LYS A 51 -13.16 -13.34 -24.50
CA LYS A 51 -13.24 -12.92 -25.88
C LYS A 51 -11.96 -12.22 -26.35
N TYR A 52 -11.39 -11.36 -25.51
CA TYR A 52 -10.31 -10.49 -25.95
C TYR A 52 -8.92 -10.98 -25.52
N PHE A 53 -8.85 -11.77 -24.46
CA PHE A 53 -7.57 -12.22 -23.92
C PHE A 53 -7.73 -13.66 -23.49
N LYS A 54 -8.04 -14.55 -24.44
CA LYS A 54 -8.65 -15.84 -24.11
C LYS A 54 -7.86 -16.80 -23.21
N HIS A 55 -6.53 -16.73 -23.19
CA HIS A 55 -5.81 -17.69 -22.35
C HIS A 55 -5.51 -17.11 -20.96
N ASN A 56 -6.07 -15.95 -20.66
CA ASN A 56 -5.77 -15.23 -19.41
C ASN A 56 -6.82 -15.42 -18.32
N ASN A 57 -6.42 -15.27 -17.06
CA ASN A 57 -7.38 -14.97 -16.00
C ASN A 57 -7.11 -13.54 -15.52
N MET A 58 -7.80 -13.07 -14.49
CA MET A 58 -7.56 -11.68 -14.10
C MET A 58 -6.14 -11.47 -13.61
N ALA A 59 -5.62 -12.46 -12.89
CA ALA A 59 -4.28 -12.34 -12.33
C ALA A 59 -3.25 -12.20 -13.44
N SER A 60 -3.37 -13.02 -14.48
CA SER A 60 -2.37 -12.98 -15.53
C SER A 60 -2.56 -11.74 -16.40
N PHE A 61 -3.80 -11.26 -16.50
CA PHE A 61 -4.07 -10.02 -17.22
C PHE A 61 -3.36 -8.87 -16.52
N VAL A 62 -3.52 -8.82 -15.20
CA VAL A 62 -2.88 -7.75 -14.44
C VAL A 62 -1.35 -7.90 -14.42
N ARG A 63 -0.87 -9.14 -14.44
CA ARG A 63 0.57 -9.37 -14.53
C ARG A 63 1.15 -8.80 -15.81
N GLN A 64 0.40 -8.93 -16.91
CA GLN A 64 0.88 -8.41 -18.18
C GLN A 64 0.90 -6.89 -18.18
N LEU A 65 -0.09 -6.28 -17.56
CA LEU A 65 -0.06 -4.82 -17.39
C LEU A 65 1.21 -4.44 -16.64
N ASN A 66 1.52 -5.17 -15.57
CA ASN A 66 2.68 -4.85 -14.76
C ASN A 66 3.97 -5.04 -15.55
N MET A 67 4.00 -6.08 -16.37
CA MET A 67 5.18 -6.40 -17.15
C MET A 67 5.51 -5.27 -18.13
N TYR A 68 4.49 -4.57 -18.61
CA TYR A 68 4.71 -3.50 -19.58
C TYR A 68 4.87 -2.14 -18.91
N GLY A 69 5.00 -2.14 -17.59
CA GLY A 69 5.24 -0.90 -16.87
C GLY A 69 4.02 -0.05 -16.56
N PHE A 70 2.82 -0.60 -16.73
CA PHE A 70 1.62 0.11 -16.28
C PHE A 70 1.66 0.25 -14.76
N ARG A 71 1.09 1.34 -14.27
CA ARG A 71 0.93 1.53 -12.83
C ARG A 71 -0.54 1.61 -12.49
N LYS A 72 -0.82 1.64 -11.19
CA LYS A 72 -2.17 1.79 -10.70
C LYS A 72 -2.35 3.20 -10.14
N VAL A 73 -3.53 3.77 -10.39
CA VAL A 73 -3.87 5.10 -9.90
C VAL A 73 -4.90 5.00 -8.79
N VAL A 74 -4.61 5.55 -7.62
CA VAL A 74 -5.54 5.42 -6.52
C VAL A 74 -5.79 6.77 -5.85
N HIS A 75 -6.95 6.92 -5.26
CA HIS A 75 -7.26 8.15 -4.54
C HIS A 75 -6.35 8.29 -3.34
N ILE A 76 -5.99 9.52 -3.00
CA ILE A 76 -5.36 9.75 -1.73
C ILE A 76 -6.37 9.41 -0.64
N GLU A 77 -5.98 8.55 0.29
CA GLU A 77 -6.89 8.20 1.38
C GLU A 77 -6.52 8.95 2.65
N VAL A 82 -16.14 5.75 1.08
CA VAL A 82 -17.41 5.07 0.80
C VAL A 82 -17.30 4.16 -0.41
N LYS A 83 -17.56 2.86 -0.22
CA LYS A 83 -17.42 1.90 -1.31
C LYS A 83 -18.37 2.21 -2.45
N PRO A 84 -17.89 2.06 -3.70
CA PRO A 84 -18.74 2.24 -4.88
C PRO A 84 -19.60 1.01 -5.14
N GLU A 85 -20.59 1.17 -6.01
CA GLU A 85 -21.49 0.08 -6.35
C GLU A 85 -20.70 -1.10 -6.89
N ARG A 86 -19.78 -0.84 -7.81
CA ARG A 86 -18.90 -1.90 -8.27
C ARG A 86 -17.45 -1.50 -8.13
N ASP A 87 -16.58 -2.49 -7.98
CA ASP A 87 -15.17 -2.20 -7.78
C ASP A 87 -14.62 -1.52 -9.02
N ASP A 88 -13.63 -0.67 -8.79
CA ASP A 88 -13.09 0.18 -9.83
C ASP A 88 -11.60 0.21 -9.63
N THR A 89 -10.86 -0.27 -10.63
CA THR A 89 -9.40 -0.21 -10.61
C THR A 89 -8.92 0.64 -11.76
N GLU A 90 -7.99 1.56 -11.50
CA GLU A 90 -7.49 2.43 -12.54
C GLU A 90 -6.03 2.15 -12.86
N PHE A 91 -5.75 1.97 -14.15
CA PHE A 91 -4.40 1.68 -14.60
C PHE A 91 -3.93 2.74 -15.59
N GLN A 92 -2.61 2.87 -15.74
CA GLN A 92 -2.11 3.86 -16.69
C GLN A 92 -0.68 3.59 -17.13
N HIS A 93 -0.38 4.08 -18.33
CA HIS A 93 0.97 4.08 -18.89
C HIS A 93 1.09 5.36 -19.69
N PRO A 94 2.24 6.05 -19.61
CA PRO A 94 2.35 7.34 -20.30
C PRO A 94 2.26 7.22 -21.83
N CYS A 95 2.42 6.01 -22.37
CA CYS A 95 2.31 5.77 -23.81
C CYS A 95 1.01 5.05 -24.19
N PHE A 96 0.07 4.99 -23.25
CA PHE A 96 -1.22 4.35 -23.49
C PHE A 96 -2.30 5.42 -23.31
N LEU A 97 -2.67 6.07 -24.40
CA LEU A 97 -3.48 7.29 -24.32
C LEU A 97 -4.62 7.28 -25.32
N ARG A 98 -5.77 7.82 -24.91
CA ARG A 98 -6.90 7.94 -25.82
C ARG A 98 -6.52 8.71 -27.08
N GLY A 99 -6.90 8.17 -28.23
CA GLY A 99 -6.69 8.84 -29.50
C GLY A 99 -5.26 8.81 -30.02
N GLN A 100 -4.36 8.08 -29.34
CA GLN A 100 -2.95 8.07 -29.72
C GLN A 100 -2.39 6.66 -29.81
N GLU A 101 -3.02 5.82 -30.62
CA GLU A 101 -2.64 4.42 -30.66
C GLU A 101 -1.19 4.20 -31.12
N GLN A 102 -0.65 5.15 -31.87
CA GLN A 102 0.71 4.97 -32.39
C GLN A 102 1.73 4.95 -31.27
N LEU A 103 1.39 5.51 -30.10
CA LEU A 103 2.34 5.57 -28.99
C LEU A 103 2.61 4.22 -28.37
N LEU A 104 1.76 3.23 -28.66
CA LEU A 104 2.00 1.88 -28.15
C LEU A 104 3.36 1.37 -28.60
N GLU A 105 3.87 1.89 -29.71
CA GLU A 105 5.19 1.48 -30.22
C GLU A 105 6.31 1.71 -29.21
N ASN A 106 6.07 2.61 -28.25
CA ASN A 106 7.10 2.96 -27.28
C ASN A 106 7.02 2.16 -25.98
N ILE A 107 6.02 1.30 -25.86
CA ILE A 107 5.86 0.50 -24.64
C ILE A 107 6.78 -0.70 -24.68
N LYS A 108 7.51 -0.89 -23.59
CA LYS A 108 8.53 -1.92 -23.50
C LYS A 108 8.32 -2.79 -22.25
N ARG A 109 8.82 -4.02 -22.30
CA ARG A 109 8.84 -4.88 -21.13
C ARG A 109 9.79 -4.31 -20.11
N LYS A 110 9.39 -4.36 -18.84
CA LYS A 110 10.21 -3.85 -17.74
C LYS A 110 10.54 -4.94 -16.73
N HIS B 5 -8.82 32.32 -13.34
CA HIS B 5 -8.73 32.58 -11.91
C HIS B 5 -7.27 32.61 -11.47
N HIS B 6 -7.01 33.23 -10.33
CA HIS B 6 -5.66 33.29 -9.75
C HIS B 6 -5.19 31.90 -9.36
N VAL B 7 -3.97 31.53 -9.76
CA VAL B 7 -3.44 30.21 -9.41
C VAL B 7 -2.99 30.23 -7.95
N PRO B 8 -3.54 29.32 -7.13
CA PRO B 8 -3.17 29.22 -5.71
C PRO B 8 -1.66 29.14 -5.53
N ALA B 9 -1.12 29.92 -4.60
CA ALA B 9 0.31 29.89 -4.33
C ALA B 9 0.79 28.48 -3.98
N PHE B 10 -0.09 27.70 -3.36
CA PHE B 10 0.26 26.32 -3.02
C PHE B 10 0.78 25.59 -4.24
N LEU B 11 0.02 25.69 -5.33
CA LEU B 11 0.35 24.93 -6.55
C LEU B 11 1.60 25.49 -7.21
N THR B 12 1.72 26.81 -7.26
CA THR B 12 2.88 27.43 -7.89
C THR B 12 4.15 27.06 -7.12
N LYS B 13 4.08 27.15 -5.79
CA LYS B 13 5.21 26.76 -4.94
C LYS B 13 5.57 25.30 -5.13
N LEU B 14 4.55 24.45 -5.12
CA LEU B 14 4.75 23.03 -5.30
C LEU B 14 5.42 22.72 -6.64
N TRP B 15 4.92 23.35 -7.70
CA TRP B 15 5.45 23.12 -9.05
C TRP B 15 6.91 23.56 -9.17
N THR B 16 7.22 24.71 -8.58
CA THR B 16 8.58 25.22 -8.63
C THR B 16 9.52 24.32 -7.83
N LEU B 17 9.04 23.84 -6.69
CA LEU B 17 9.81 22.95 -5.83
C LEU B 17 10.12 21.63 -6.52
N VAL B 18 9.10 21.04 -7.14
CA VAL B 18 9.30 19.81 -7.90
C VAL B 18 10.31 20.05 -9.04
N SER B 19 10.14 21.16 -9.75
CA SER B 19 10.91 21.44 -10.97
C SER B 19 12.35 21.86 -10.70
N ASP B 20 12.67 22.19 -9.46
CA ASP B 20 14.04 22.57 -9.12
C ASP B 20 14.93 21.33 -9.03
N PRO B 21 15.93 21.23 -9.91
CA PRO B 21 16.76 20.03 -9.89
C PRO B 21 17.52 19.84 -8.57
N ASP B 22 17.70 20.91 -7.81
CA ASP B 22 18.50 20.85 -6.58
C ASP B 22 17.75 20.23 -5.40
N THR B 23 16.45 20.03 -5.57
CA THR B 23 15.64 19.41 -4.53
C THR B 23 15.31 17.97 -4.89
N ASP B 24 15.80 17.51 -6.05
CA ASP B 24 15.40 16.22 -6.59
C ASP B 24 15.69 15.03 -5.69
N ALA B 25 16.61 15.19 -4.74
CA ALA B 25 16.86 14.13 -3.78
C ALA B 25 15.63 13.88 -2.88
N LEU B 26 14.79 14.89 -2.72
CA LEU B 26 13.60 14.78 -1.87
C LEU B 26 12.29 14.89 -2.64
N ILE B 27 12.30 15.59 -3.76
CA ILE B 27 11.07 15.74 -4.53
C ILE B 27 11.41 16.05 -5.98
N CYS B 28 10.87 15.26 -6.90
CA CYS B 28 11.28 15.35 -8.30
C CYS B 28 10.22 14.84 -9.26
N TRP B 29 10.34 15.25 -10.52
CA TRP B 29 9.49 14.72 -11.58
C TRP B 29 9.81 13.27 -11.86
N SER B 30 8.79 12.52 -12.24
CA SER B 30 9.03 11.22 -12.85
C SER B 30 9.67 11.40 -14.22
N PRO B 31 10.26 10.33 -14.78
CA PRO B 31 10.93 10.49 -16.08
C PRO B 31 10.01 11.03 -17.18
N SER B 32 8.74 10.63 -17.15
CA SER B 32 7.79 11.08 -18.18
C SER B 32 7.38 12.53 -17.98
N GLY B 33 7.59 13.06 -16.79
CA GLY B 33 7.14 14.38 -16.44
C GLY B 33 5.66 14.47 -16.05
N ASN B 34 5.00 13.33 -15.93
CA ASN B 34 3.55 13.30 -15.67
C ASN B 34 3.21 13.20 -14.19
N SER B 35 4.20 12.88 -13.37
CA SER B 35 3.98 12.65 -11.95
C SER B 35 5.17 13.17 -11.17
N PHE B 36 5.04 13.27 -9.85
CA PHE B 36 6.21 13.60 -9.05
C PHE B 36 6.35 12.69 -7.84
N HIS B 37 7.59 12.52 -7.40
CA HIS B 37 7.92 11.67 -6.26
C HIS B 37 8.25 12.49 -5.03
N VAL B 38 7.80 12.02 -3.87
CA VAL B 38 8.28 12.53 -2.59
C VAL B 38 9.04 11.44 -1.87
N PHE B 39 10.29 11.71 -1.53
CA PHE B 39 11.13 10.72 -0.84
C PHE B 39 11.32 11.07 0.62
N ASP B 40 11.58 10.06 1.44
CA ASP B 40 12.05 10.25 2.81
C ASP B 40 11.27 11.31 3.56
N GLN B 41 10.01 11.00 3.86
CA GLN B 41 9.10 11.99 4.39
C GLN B 41 9.53 12.50 5.76
N GLY B 42 10.28 11.69 6.49
CA GLY B 42 10.82 12.13 7.76
C GLY B 42 11.72 13.34 7.55
N GLN B 43 12.51 13.28 6.48
CA GLN B 43 13.42 14.37 6.14
C GLN B 43 12.70 15.51 5.42
N PHE B 44 11.78 15.16 4.52
CA PHE B 44 11.00 16.13 3.76
C PHE B 44 10.27 17.10 4.69
N ALA B 45 9.72 16.56 5.78
CA ALA B 45 8.97 17.38 6.72
C ALA B 45 9.85 18.32 7.51
N LYS B 46 11.09 17.91 7.76
CA LYS B 46 12.03 18.74 8.52
C LYS B 46 12.70 19.80 7.67
N GLU B 47 12.99 19.48 6.41
CA GLU B 47 13.77 20.37 5.57
C GLU B 47 12.93 21.25 4.65
N VAL B 48 11.90 20.65 4.06
CA VAL B 48 11.16 21.30 3.00
C VAL B 48 9.92 22.06 3.48
N LEU B 49 9.03 21.38 4.19
CA LEU B 49 7.77 21.98 4.64
C LEU B 49 7.93 23.29 5.41
N PRO B 50 8.89 23.35 6.35
CA PRO B 50 9.08 24.56 7.16
C PRO B 50 9.45 25.78 6.33
N LYS B 51 10.03 25.56 5.15
CA LYS B 51 10.46 26.69 4.34
C LYS B 51 9.44 27.06 3.26
N TYR B 52 8.72 26.08 2.72
CA TYR B 52 7.85 26.35 1.59
C TYR B 52 6.36 26.23 1.89
N PHE B 53 6.03 25.51 2.95
CA PHE B 53 4.63 25.34 3.36
C PHE B 53 4.55 25.48 4.87
N LYS B 54 4.68 26.70 5.34
CA LYS B 54 4.88 26.96 6.76
C LYS B 54 3.75 26.43 7.62
N HIS B 55 4.12 25.82 8.75
CA HIS B 55 3.17 25.33 9.74
C HIS B 55 2.40 24.13 9.23
N ASN B 56 3.01 23.35 8.35
CA ASN B 56 2.42 22.10 7.87
C ASN B 56 3.16 20.86 8.39
N ASN B 57 2.45 19.75 8.45
CA ASN B 57 3.10 18.46 8.57
C ASN B 57 2.77 17.65 7.31
N MET B 58 3.19 16.39 7.25
CA MET B 58 2.95 15.61 6.04
C MET B 58 1.46 15.47 5.79
N ALA B 59 0.72 15.23 6.86
CA ALA B 59 -0.72 15.01 6.73
C ALA B 59 -1.42 16.23 6.14
N SER B 60 -1.11 17.43 6.62
CA SER B 60 -1.79 18.62 6.13
C SER B 60 -1.35 18.94 4.70
N PHE B 61 -0.10 18.61 4.38
CA PHE B 61 0.39 18.79 3.02
C PHE B 61 -0.35 17.86 2.07
N VAL B 62 -0.46 16.59 2.45
CA VAL B 62 -1.13 15.62 1.61
C VAL B 62 -2.64 15.92 1.53
N ARG B 63 -3.22 16.48 2.59
CA ARG B 63 -4.65 16.86 2.53
C ARG B 63 -4.85 17.91 1.44
N GLN B 64 -3.89 18.82 1.27
CA GLN B 64 -3.99 19.84 0.23
C GLN B 64 -3.89 19.24 -1.17
N LEU B 65 -3.01 18.27 -1.33
CA LEU B 65 -2.94 17.56 -2.61
C LEU B 65 -4.29 16.91 -2.92
N ASN B 66 -4.90 16.31 -1.91
CA ASN B 66 -6.19 15.65 -2.14
C ASN B 66 -7.25 16.68 -2.50
N MET B 67 -7.20 17.84 -1.86
CA MET B 67 -8.18 18.89 -2.12
C MET B 67 -8.14 19.35 -3.57
N TYR B 68 -6.96 19.32 -4.17
CA TYR B 68 -6.81 19.73 -5.56
C TYR B 68 -6.95 18.56 -6.52
N GLY B 69 -7.33 17.40 -5.98
CA GLY B 69 -7.61 16.24 -6.82
C GLY B 69 -6.38 15.50 -7.33
N PHE B 70 -5.24 15.68 -6.69
CA PHE B 70 -4.07 14.84 -6.99
C PHE B 70 -4.39 13.41 -6.63
N ARG B 71 -3.83 12.47 -7.39
CA ARG B 71 -3.98 11.06 -7.12
C ARG B 71 -2.63 10.46 -6.74
N LYS B 72 -2.65 9.25 -6.21
CA LYS B 72 -1.43 8.53 -5.92
C LYS B 72 -1.18 7.48 -7.01
N VAL B 73 0.08 7.32 -7.38
CA VAL B 73 0.48 6.31 -8.35
C VAL B 73 1.22 5.19 -7.65
N VAL B 74 0.75 3.96 -7.79
CA VAL B 74 1.40 2.84 -7.12
C VAL B 74 1.69 1.70 -8.09
N HIS B 75 2.60 0.82 -7.70
CA HIS B 75 2.91 -0.33 -8.56
C HIS B 75 1.78 -1.35 -8.51
N ILE B 76 1.55 -2.00 -9.64
CA ILE B 76 0.53 -3.03 -9.72
C ILE B 76 0.90 -4.23 -8.87
N GLU B 77 2.13 -4.68 -9.01
CA GLU B 77 2.64 -5.78 -8.19
C GLU B 77 3.65 -5.25 -7.18
N GLN B 78 3.42 -5.62 -5.92
CA GLN B 78 4.27 -5.18 -4.81
C GLN B 78 5.71 -5.65 -5.02
N ARG B 86 15.11 4.22 1.29
CA ARG B 86 14.29 5.41 1.23
C ARG B 86 12.85 5.08 0.84
N ASP B 87 11.90 5.77 1.46
CA ASP B 87 10.49 5.61 1.12
C ASP B 87 10.14 6.57 -0.02
N ASP B 88 9.22 6.13 -0.86
CA ASP B 88 8.93 6.77 -2.13
C ASP B 88 7.41 6.80 -2.32
N THR B 89 6.83 8.00 -2.41
CA THR B 89 5.41 8.15 -2.68
C THR B 89 5.25 8.96 -3.95
N GLU B 90 4.39 8.51 -4.87
CA GLU B 90 4.24 9.17 -6.17
C GLU B 90 2.85 9.79 -6.31
N PHE B 91 2.82 11.07 -6.65
CA PHE B 91 1.55 11.78 -6.82
C PHE B 91 1.39 12.29 -8.25
N GLN B 92 0.16 12.57 -8.66
CA GLN B 92 0.00 13.17 -9.98
C GLN B 92 -1.32 13.89 -10.16
N HIS B 93 -1.29 14.83 -11.09
CA HIS B 93 -2.47 15.53 -11.55
C HIS B 93 -2.27 15.78 -13.04
N PRO B 94 -3.31 15.56 -13.86
CA PRO B 94 -3.13 15.67 -15.31
C PRO B 94 -2.72 17.07 -15.78
N CYS B 95 -2.89 18.07 -14.92
CA CYS B 95 -2.47 19.44 -15.27
C CYS B 95 -1.28 19.92 -14.45
N PHE B 96 -0.57 18.99 -13.81
CA PHE B 96 0.63 19.30 -13.05
C PHE B 96 1.78 18.59 -13.76
N LEU B 97 2.42 19.27 -14.72
CA LEU B 97 3.31 18.61 -15.66
C LEU B 97 4.64 19.31 -15.79
N ARG B 98 5.70 18.53 -15.98
CA ARG B 98 7.02 19.12 -16.15
C ARG B 98 7.05 20.12 -17.30
N GLY B 99 7.59 21.30 -17.02
CA GLY B 99 7.81 22.29 -18.05
C GLY B 99 6.56 22.91 -18.63
N GLN B 100 5.42 22.69 -17.97
CA GLN B 100 4.16 23.27 -18.42
C GLN B 100 3.43 23.96 -17.28
N GLU B 101 4.07 24.96 -16.68
CA GLU B 101 3.52 25.64 -15.52
C GLU B 101 2.15 26.29 -15.79
N GLN B 102 1.89 26.62 -17.05
CA GLN B 102 0.66 27.36 -17.35
C GLN B 102 -0.58 26.47 -17.16
N LEU B 103 -0.38 25.15 -17.19
CA LEU B 103 -1.49 24.22 -16.99
C LEU B 103 -2.02 24.21 -15.56
N LEU B 104 -1.27 24.80 -14.63
CA LEU B 104 -1.74 24.87 -13.24
C LEU B 104 -3.08 25.59 -13.15
N GLU B 105 -3.34 26.45 -14.13
CA GLU B 105 -4.58 27.23 -14.17
C GLU B 105 -5.81 26.34 -14.24
N ASN B 106 -5.63 25.12 -14.74
CA ASN B 106 -6.76 24.22 -14.95
C ASN B 106 -7.04 23.32 -13.74
N ILE B 107 -6.23 23.46 -12.69
CA ILE B 107 -6.41 22.71 -11.46
C ILE B 107 -7.46 23.38 -10.59
N LYS B 108 -8.45 22.61 -10.15
CA LYS B 108 -9.55 23.19 -9.36
C LYS B 108 -9.72 22.53 -8.00
N ARG B 109 -10.19 23.29 -7.01
CA ARG B 109 -10.50 22.72 -5.70
C ARG B 109 -11.68 21.76 -5.79
N LYS B 110 -11.57 20.63 -5.11
CA LYS B 110 -12.61 19.60 -5.14
C LYS B 110 -12.79 19.04 -6.55
N HIS E 4 -12.15 15.05 7.71
CA HIS E 4 -13.13 15.35 8.74
C HIS E 4 -12.55 15.19 10.14
N HIS E 5 -12.23 13.96 10.52
CA HIS E 5 -11.83 13.67 11.90
C HIS E 5 -10.55 14.42 12.30
N HIS E 6 -10.41 14.63 13.60
CA HIS E 6 -9.22 15.22 14.18
C HIS E 6 -8.36 14.14 14.80
N VAL E 7 -7.08 14.15 14.44
CA VAL E 7 -6.15 13.16 14.95
C VAL E 7 -5.59 13.55 16.31
N PRO E 8 -5.74 12.67 17.30
CA PRO E 8 -5.17 12.87 18.63
C PRO E 8 -3.66 13.13 18.56
N ALA E 9 -3.17 14.06 19.36
CA ALA E 9 -1.76 14.43 19.34
C ALA E 9 -0.83 13.23 19.44
N PHE E 10 -1.20 12.24 20.25
CA PHE E 10 -0.37 11.06 20.45
C PHE E 10 0.00 10.39 19.11
N LEU E 11 -1.00 10.22 18.24
CA LEU E 11 -0.80 9.52 16.99
C LEU E 11 0.08 10.31 16.04
N THR E 12 -0.16 11.61 15.95
CA THR E 12 0.65 12.46 15.11
C THR E 12 2.08 12.46 15.62
N LYS E 13 2.25 12.56 16.93
CA LYS E 13 3.59 12.54 17.52
C LYS E 13 4.26 11.18 17.25
N LEU E 14 3.49 10.10 17.36
CA LEU E 14 4.02 8.75 17.14
C LEU E 14 4.50 8.58 15.70
N TRP E 15 3.69 9.00 14.75
CA TRP E 15 4.01 8.83 13.33
C TRP E 15 5.27 9.61 13.00
N THR E 16 5.36 10.82 13.56
CA THR E 16 6.53 11.67 13.36
C THR E 16 7.77 11.00 13.94
N LEU E 17 7.63 10.44 15.14
CA LEU E 17 8.74 9.78 15.82
C LEU E 17 9.24 8.55 15.07
N VAL E 18 8.31 7.71 14.66
CA VAL E 18 8.71 6.53 13.88
C VAL E 18 9.41 6.97 12.58
N SER E 19 8.85 7.97 11.90
CA SER E 19 9.37 8.36 10.58
C SER E 19 10.72 9.09 10.63
N ASP E 20 11.04 9.66 11.78
CA ASP E 20 12.28 10.43 11.92
C ASP E 20 13.50 9.53 11.88
N PRO E 21 14.38 9.72 10.88
CA PRO E 21 15.57 8.85 10.79
C PRO E 21 16.49 8.99 12.00
N ASP E 22 16.46 10.14 12.65
CA ASP E 22 17.36 10.39 13.77
C ASP E 22 17.08 9.50 14.97
N THR E 23 15.94 8.80 14.96
CA THR E 23 15.60 7.91 16.06
C THR E 23 15.53 6.45 15.66
N ASP E 24 15.93 6.12 14.42
CA ASP E 24 15.69 4.79 13.87
C ASP E 24 16.42 3.66 14.59
N ALA E 25 17.45 3.98 15.34
CA ALA E 25 18.15 2.98 16.15
C ALA E 25 17.22 2.38 17.21
N LEU E 26 16.21 3.13 17.62
CA LEU E 26 15.37 2.68 18.72
C LEU E 26 13.90 2.53 18.34
N ILE E 27 13.45 3.27 17.33
CA ILE E 27 12.07 3.16 16.85
C ILE E 27 12.02 3.51 15.37
N CYS E 28 11.50 2.58 14.57
CA CYS E 28 11.68 2.60 13.13
C CYS E 28 10.57 1.85 12.40
N TRP E 29 10.29 2.22 11.14
CA TRP E 29 9.37 1.44 10.32
C TRP E 29 9.97 0.08 9.99
N SER E 30 9.15 -0.96 9.96
CA SER E 30 9.56 -2.23 9.37
C SER E 30 9.81 -2.01 7.88
N PRO E 31 10.58 -2.91 7.24
CA PRO E 31 10.79 -2.74 5.80
C PRO E 31 9.50 -2.64 4.96
N SER E 32 8.45 -3.38 5.34
CA SER E 32 7.19 -3.33 4.61
C SER E 32 6.53 -1.96 4.72
N GLY E 33 6.88 -1.23 5.77
CA GLY E 33 6.24 0.04 6.08
C GLY E 33 4.86 -0.12 6.68
N ASN E 34 4.47 -1.36 6.99
CA ASN E 34 3.12 -1.66 7.51
C ASN E 34 3.10 -1.86 9.02
N SER E 35 4.26 -1.79 9.65
CA SER E 35 4.38 -1.98 11.09
C SER E 35 5.62 -1.21 11.54
N PHE E 36 5.84 -1.09 12.85
CA PHE E 36 7.08 -0.47 13.31
C PHE E 36 7.66 -1.26 14.47
N HIS E 37 8.94 -1.02 14.74
CA HIS E 37 9.65 -1.69 15.82
C HIS E 37 10.09 -0.72 16.90
N VAL E 38 10.06 -1.20 18.13
CA VAL E 38 10.77 -0.56 19.23
C VAL E 38 11.93 -1.47 19.62
N PHE E 39 13.14 -0.95 19.54
CA PHE E 39 14.34 -1.71 19.90
C PHE E 39 14.86 -1.28 21.26
N ASP E 40 15.48 -2.22 21.99
CA ASP E 40 16.14 -1.93 23.26
C ASP E 40 15.28 -1.07 24.17
N GLN E 41 14.24 -1.69 24.73
CA GLN E 41 13.22 -0.98 25.48
C GLN E 41 13.75 -0.10 26.59
N GLY E 42 14.75 -0.59 27.33
CA GLY E 42 15.32 0.18 28.42
C GLY E 42 15.84 1.51 27.91
N GLN E 43 16.57 1.47 26.80
CA GLN E 43 17.17 2.66 26.22
C GLN E 43 16.11 3.59 25.60
N PHE E 44 15.13 2.99 24.93
CA PHE E 44 14.04 3.75 24.33
C PHE E 44 13.29 4.57 25.39
N ALA E 45 13.05 3.96 26.53
CA ALA E 45 12.37 4.64 27.63
C ALA E 45 13.20 5.76 28.24
N LYS E 46 14.52 5.61 28.21
CA LYS E 46 15.42 6.59 28.83
C LYS E 46 15.72 7.77 27.91
N GLU E 47 15.90 7.47 26.63
CA GLU E 47 16.38 8.48 25.69
C GLU E 47 15.30 9.06 24.80
N VAL E 48 14.25 8.29 24.55
CA VAL E 48 13.25 8.70 23.57
C VAL E 48 11.97 9.24 24.21
N LEU E 49 11.38 8.49 25.14
CA LEU E 49 10.15 8.93 25.80
C LEU E 49 10.24 10.31 26.46
N PRO E 50 11.32 10.57 27.23
CA PRO E 50 11.39 11.86 27.92
C PRO E 50 11.39 13.05 26.95
N LYS E 51 11.76 12.80 25.70
CA LYS E 51 11.88 13.89 24.73
C LYS E 51 10.65 14.04 23.84
N TYR E 52 9.99 12.93 23.53
CA TYR E 52 8.90 12.94 22.58
C TYR E 52 7.54 12.78 23.26
N PHE E 53 7.54 12.12 24.41
CA PHE E 53 6.32 11.93 25.18
C PHE E 53 6.63 12.28 26.63
N LYS E 54 7.00 13.54 26.83
CA LYS E 54 7.40 14.05 28.13
C LYS E 54 6.50 13.54 29.23
N HIS E 55 7.11 12.96 30.27
CA HIS E 55 6.38 12.56 31.46
C HIS E 55 5.52 11.31 31.22
N ASN E 56 5.93 10.51 30.24
CA ASN E 56 5.34 9.19 30.00
C ASN E 56 6.38 8.10 30.17
N ASN E 57 6.09 7.06 30.94
CA ASN E 57 6.95 5.89 30.97
C ASN E 57 6.44 4.82 29.99
N MET E 58 7.15 3.70 29.90
CA MET E 58 6.81 2.66 28.90
C MET E 58 5.39 2.14 29.06
N ALA E 59 4.91 2.07 30.31
CA ALA E 59 3.56 1.61 30.57
C ALA E 59 2.53 2.55 29.93
N SER E 60 2.75 3.85 30.08
CA SER E 60 1.84 4.84 29.53
C SER E 60 1.88 4.81 28.00
N PHE E 61 3.07 4.64 27.45
CA PHE E 61 3.26 4.52 26.01
C PHE E 61 2.49 3.33 25.44
N VAL E 62 2.70 2.17 26.03
CA VAL E 62 2.06 0.95 25.56
C VAL E 62 0.54 1.02 25.75
N ARG E 63 0.11 1.62 26.86
CA ARG E 63 -1.30 1.84 27.14
C ARG E 63 -1.95 2.65 26.03
N GLN E 64 -1.25 3.69 25.57
CA GLN E 64 -1.76 4.53 24.49
C GLN E 64 -1.87 3.72 23.20
N LEU E 65 -0.87 2.90 22.91
CA LEU E 65 -0.93 2.06 21.71
C LEU E 65 -2.16 1.16 21.76
N ASN E 66 -2.38 0.55 22.93
CA ASN E 66 -3.50 -0.38 23.07
C ASN E 66 -4.83 0.35 22.91
N MET E 67 -4.92 1.55 23.47
CA MET E 67 -6.13 2.37 23.39
C MET E 67 -6.55 2.66 21.95
N TYR E 68 -5.58 2.69 21.05
CA TYR E 68 -5.87 3.06 19.67
C TYR E 68 -5.97 1.84 18.77
N GLY E 69 -5.96 0.66 19.39
CA GLY E 69 -6.16 -0.59 18.66
C GLY E 69 -4.92 -1.13 17.96
N PHE E 70 -3.74 -0.68 18.35
CA PHE E 70 -2.51 -1.27 17.83
C PHE E 70 -2.40 -2.68 18.33
N ARG E 71 -1.80 -3.54 17.50
CA ARG E 71 -1.54 -4.92 17.88
C ARG E 71 -0.04 -5.15 17.89
N LYS E 72 0.35 -6.27 18.49
CA LYS E 72 1.74 -6.67 18.58
C LYS E 72 1.95 -7.83 17.64
N VAL E 73 3.09 -7.85 16.94
CA VAL E 73 3.37 -8.93 16.02
C VAL E 73 4.44 -9.81 16.63
N VAL E 74 4.12 -11.08 16.84
CA VAL E 74 5.05 -11.96 17.55
C VAL E 74 5.29 -13.26 16.79
N HIS E 75 6.41 -13.89 17.10
CA HIS E 75 6.72 -15.18 16.50
C HIS E 75 5.76 -16.24 16.99
N ILE E 76 5.43 -17.16 16.11
CA ILE E 76 4.54 -18.27 16.44
C ILE E 76 5.21 -19.19 17.45
N GLU E 77 6.47 -19.52 17.18
CA GLU E 77 7.23 -20.43 18.06
C GLU E 77 8.33 -19.70 18.81
N GLN E 78 8.40 -19.99 20.10
CA GLN E 78 9.56 -19.63 20.90
C GLN E 78 10.77 -20.42 20.40
N GLY E 79 11.94 -19.81 20.45
CA GLY E 79 13.14 -20.47 19.98
C GLY E 79 14.37 -19.62 20.20
N GLY E 80 15.54 -20.25 20.12
CA GLY E 80 16.78 -19.56 20.35
C GLY E 80 17.00 -18.38 19.42
N LEU E 81 16.53 -18.47 18.19
CA LEU E 81 16.77 -17.40 17.22
C LEU E 81 15.77 -16.27 17.29
N VAL E 82 14.84 -16.34 18.25
CA VAL E 82 13.89 -15.26 18.46
C VAL E 82 14.41 -14.26 19.50
N LYS E 83 14.45 -12.99 19.11
CA LYS E 83 14.88 -11.94 20.03
C LYS E 83 13.85 -11.74 21.14
N PRO E 84 14.31 -11.57 22.37
CA PRO E 84 13.41 -11.19 23.46
C PRO E 84 12.69 -9.88 23.16
N GLU E 85 11.45 -9.76 23.64
CA GLU E 85 10.65 -8.57 23.41
C GLU E 85 11.39 -7.29 23.83
N ARG E 86 12.18 -7.38 24.90
CA ARG E 86 12.95 -6.26 25.41
C ARG E 86 13.88 -5.68 24.33
N ASP E 87 14.39 -6.55 23.46
CA ASP E 87 15.33 -6.15 22.43
C ASP E 87 14.64 -5.66 21.17
N ASP E 88 13.49 -6.26 20.86
CA ASP E 88 12.75 -5.95 19.64
C ASP E 88 11.28 -6.30 19.82
N THR E 89 10.42 -5.29 19.80
CA THR E 89 8.98 -5.51 19.75
C THR E 89 8.39 -4.87 18.50
N GLU E 90 7.46 -5.57 17.87
CA GLU E 90 6.85 -5.07 16.64
C GLU E 90 5.39 -4.75 16.87
N PHE E 91 4.99 -3.52 16.52
CA PHE E 91 3.62 -3.06 16.68
C PHE E 91 3.01 -2.70 15.34
N GLN E 92 1.68 -2.76 15.21
CA GLN E 92 1.06 -2.34 13.97
C GLN E 92 -0.40 -1.94 14.10
N HIS E 93 -0.84 -1.09 13.17
CA HIS E 93 -2.23 -0.72 13.00
C HIS E 93 -2.47 -0.52 11.51
N PRO E 94 -3.60 -1.04 10.99
CA PRO E 94 -3.78 -0.92 9.53
C PRO E 94 -3.79 0.52 8.96
N CYS E 95 -4.00 1.52 9.79
CA CYS E 95 -3.98 2.89 9.27
C CYS E 95 -2.77 3.68 9.77
N PHE E 96 -1.78 2.96 10.29
CA PHE E 96 -0.52 3.58 10.71
C PHE E 96 0.58 3.08 9.78
N LEU E 97 0.82 3.83 8.70
CA LEU E 97 1.66 3.34 7.61
C LEU E 97 2.72 4.34 7.21
N ARG E 98 3.89 3.83 6.83
CA ARG E 98 4.97 4.68 6.34
C ARG E 98 4.50 5.50 5.15
N GLY E 99 4.82 6.80 5.14
CA GLY E 99 4.50 7.66 4.03
C GLY E 99 3.03 8.05 3.83
N GLN E 100 2.20 7.77 4.83
CA GLN E 100 0.78 8.01 4.69
C GLN E 100 0.21 8.60 5.97
N GLU E 101 0.74 9.74 6.39
CA GLU E 101 0.30 10.34 7.65
C GLU E 101 -1.17 10.75 7.60
N GLN E 102 -1.70 10.96 6.39
CA GLN E 102 -3.08 11.39 6.27
C GLN E 102 -4.04 10.27 6.70
N LEU E 103 -3.54 9.04 6.75
CA LEU E 103 -4.37 7.89 7.13
C LEU E 103 -4.65 7.83 8.62
N LEU E 104 -3.92 8.62 9.41
CA LEU E 104 -4.11 8.61 10.87
C LEU E 104 -5.54 8.99 11.26
N GLU E 105 -6.22 9.74 10.40
CA GLU E 105 -7.55 10.22 10.77
C GLU E 105 -8.53 9.05 10.88
N ASN E 106 -8.15 7.91 10.33
CA ASN E 106 -8.96 6.70 10.39
C ASN E 106 -8.78 5.89 11.67
N ILE E 107 -7.80 6.26 12.50
CA ILE E 107 -7.56 5.54 13.75
C ILE E 107 -8.41 6.10 14.89
N LYS E 108 -9.28 5.26 15.45
CA LYS E 108 -10.16 5.70 16.53
C LYS E 108 -9.79 5.06 17.87
N ARG E 109 -10.12 5.75 18.96
CA ARG E 109 -10.01 5.19 20.31
C ARG E 109 -10.98 4.04 20.52
N LYS E 110 -10.50 2.98 21.15
CA LYS E 110 -11.29 1.83 21.64
C LYS E 110 -10.43 0.56 21.63
N HIS F 6 10.12 -23.46 -7.71
CA HIS F 6 8.82 -24.07 -7.46
C HIS F 6 8.25 -23.65 -6.12
N VAL F 7 7.07 -23.04 -6.13
CA VAL F 7 6.43 -22.61 -4.89
C VAL F 7 5.80 -23.82 -4.20
N PRO F 8 6.10 -24.02 -2.91
CA PRO F 8 5.56 -25.16 -2.15
C PRO F 8 4.04 -25.23 -2.23
N ALA F 9 3.49 -26.42 -2.41
CA ALA F 9 2.05 -26.59 -2.50
C ALA F 9 1.35 -26.03 -1.27
N PHE F 10 1.97 -26.16 -0.11
CA PHE F 10 1.39 -25.62 1.12
C PHE F 10 1.00 -24.16 0.96
N LEU F 11 1.92 -23.36 0.45
CA LEU F 11 1.70 -21.91 0.32
C LEU F 11 0.66 -21.56 -0.73
N THR F 12 0.74 -22.23 -1.88
CA THR F 12 -0.22 -22.00 -2.95
C THR F 12 -1.64 -22.37 -2.50
N LYS F 13 -1.75 -23.54 -1.88
CA LYS F 13 -3.04 -23.99 -1.34
C LYS F 13 -3.58 -22.99 -0.34
N LEU F 14 -2.74 -22.54 0.59
CA LEU F 14 -3.14 -21.60 1.63
C LEU F 14 -3.64 -20.28 1.04
N TRP F 15 -2.87 -19.70 0.12
CA TRP F 15 -3.25 -18.45 -0.51
C TRP F 15 -4.61 -18.57 -1.22
N THR F 16 -4.82 -19.70 -1.90
CA THR F 16 -6.07 -19.95 -2.59
C THR F 16 -7.23 -20.12 -1.62
N LEU F 17 -6.99 -20.87 -0.55
CA LEU F 17 -8.00 -21.10 0.48
C LEU F 17 -8.38 -19.79 1.17
N VAL F 18 -7.38 -18.95 1.44
CA VAL F 18 -7.66 -17.67 2.07
C VAL F 18 -8.50 -16.80 1.14
N SER F 19 -8.11 -16.79 -0.13
CA SER F 19 -8.71 -15.92 -1.12
C SER F 19 -10.13 -16.35 -1.52
N ASP F 20 -10.42 -17.65 -1.37
CA ASP F 20 -11.70 -18.22 -1.80
C ASP F 20 -12.85 -17.69 -0.94
N PRO F 21 -13.72 -16.86 -1.54
CA PRO F 21 -14.82 -16.23 -0.80
C PRO F 21 -15.75 -17.26 -0.14
N ASP F 22 -15.84 -18.45 -0.72
CA ASP F 22 -16.70 -19.50 -0.18
C ASP F 22 -16.23 -20.01 1.19
N THR F 23 -14.96 -19.78 1.50
CA THR F 23 -14.41 -20.24 2.77
C THR F 23 -14.27 -19.12 3.78
N ASP F 24 -14.67 -17.92 3.39
CA ASP F 24 -14.38 -16.71 4.17
C ASP F 24 -15.01 -16.73 5.57
N ALA F 25 -15.97 -17.62 5.78
CA ALA F 25 -16.53 -17.78 7.12
C ALA F 25 -15.49 -18.33 8.08
N LEU F 26 -14.58 -19.16 7.57
CA LEU F 26 -13.57 -19.81 8.43
C LEU F 26 -12.16 -19.25 8.24
N ILE F 27 -11.84 -18.83 7.01
CA ILE F 27 -10.50 -18.33 6.73
C ILE F 27 -10.55 -17.28 5.62
N CYS F 28 -10.07 -16.08 5.91
CA CYS F 28 -10.26 -14.96 5.01
C CYS F 28 -9.21 -13.89 5.23
N TRP F 29 -9.06 -13.03 4.23
CA TRP F 29 -8.17 -11.88 4.34
C TRP F 29 -8.71 -10.88 5.36
N SER F 30 -7.80 -10.23 6.08
CA SER F 30 -8.15 -9.04 6.83
C SER F 30 -8.59 -7.97 5.82
N PRO F 31 -9.35 -6.97 6.26
CA PRO F 31 -9.74 -5.89 5.33
C PRO F 31 -8.53 -5.29 4.59
N SER F 32 -7.40 -5.15 5.28
CA SER F 32 -6.20 -4.56 4.70
C SER F 32 -5.59 -5.42 3.61
N GLY F 33 -5.85 -6.72 3.66
CA GLY F 33 -5.25 -7.65 2.73
C GLY F 33 -3.84 -8.07 3.10
N ASN F 34 -3.34 -7.60 4.25
CA ASN F 34 -1.97 -7.89 4.67
C ASN F 34 -1.84 -9.00 5.70
N SER F 35 -2.98 -9.49 6.18
CA SER F 35 -2.98 -10.60 7.14
C SER F 35 -4.19 -11.47 6.86
N PHE F 36 -4.27 -12.62 7.51
CA PHE F 36 -5.49 -13.40 7.43
C PHE F 36 -5.91 -13.97 8.78
N HIS F 37 -7.19 -14.31 8.88
CA HIS F 37 -7.74 -14.86 10.10
C HIS F 37 -8.17 -16.30 9.90
N VAL F 38 -7.99 -17.10 10.93
CA VAL F 38 -8.66 -18.38 11.04
C VAL F 38 -9.67 -18.29 12.17
N PHE F 39 -10.96 -18.27 11.82
CA PHE F 39 -12.03 -18.24 12.80
C PHE F 39 -12.46 -19.68 13.04
N ASP F 40 -12.51 -20.11 14.30
CA ASP F 40 -12.91 -21.48 14.61
C ASP F 40 -11.85 -22.46 14.10
N GLN F 41 -10.81 -22.68 14.89
CA GLN F 41 -9.75 -23.62 14.53
C GLN F 41 -10.27 -25.05 14.47
N GLY F 42 -11.25 -25.36 15.32
CA GLY F 42 -11.79 -26.70 15.39
C GLY F 42 -12.54 -27.09 14.13
N GLN F 43 -13.26 -26.13 13.56
CA GLN F 43 -13.99 -26.35 12.32
C GLN F 43 -13.01 -26.41 11.16
N PHE F 44 -12.02 -25.54 11.21
CA PHE F 44 -10.92 -25.53 10.25
C PHE F 44 -10.24 -26.90 10.24
N ALA F 45 -9.87 -27.37 11.43
CA ALA F 45 -9.16 -28.64 11.57
C ALA F 45 -9.99 -29.82 11.09
N LYS F 46 -11.31 -29.74 11.24
CA LYS F 46 -12.18 -30.85 10.86
C LYS F 46 -12.61 -30.79 9.39
N GLU F 47 -12.86 -29.59 8.89
CA GLU F 47 -13.27 -29.43 7.50
C GLU F 47 -12.09 -29.22 6.56
N VAL F 48 -11.25 -28.22 6.86
CA VAL F 48 -10.23 -27.78 5.93
C VAL F 48 -9.01 -28.70 5.86
N LEU F 49 -8.41 -28.97 7.01
CA LEU F 49 -7.17 -29.76 7.07
C LEU F 49 -7.28 -31.14 6.40
N PRO F 50 -8.36 -31.88 6.69
CA PRO F 50 -8.56 -33.17 6.02
C PRO F 50 -8.73 -33.04 4.52
N LYS F 51 -9.11 -31.85 4.05
CA LYS F 51 -9.36 -31.64 2.63
C LYS F 51 -8.16 -31.05 1.88
N TYR F 52 -7.42 -30.15 2.54
CA TYR F 52 -6.38 -29.40 1.85
C TYR F 52 -4.97 -29.65 2.38
N PHE F 53 -4.87 -30.10 3.63
CA PHE F 53 -3.57 -30.35 4.24
C PHE F 53 -3.55 -31.68 4.99
N LYS F 54 -3.55 -32.77 4.23
CA LYS F 54 -3.74 -34.13 4.76
C LYS F 54 -2.80 -34.52 5.89
N HIS F 55 -1.57 -34.04 5.87
CA HIS F 55 -0.54 -34.50 6.79
C HIS F 55 -0.35 -33.60 8.01
N ASN F 56 -1.37 -32.82 8.36
CA ASN F 56 -1.27 -31.93 9.51
C ASN F 56 -2.50 -31.98 10.42
N ASN F 57 -2.27 -31.93 11.72
CA ASN F 57 -3.33 -31.49 12.63
C ASN F 57 -3.13 -29.99 12.84
N MET F 58 -4.00 -29.34 13.61
CA MET F 58 -3.87 -27.90 13.76
C MET F 58 -2.47 -27.52 14.27
N ALA F 59 -1.96 -28.28 15.23
CA ALA F 59 -0.64 -28.02 15.81
C ALA F 59 0.48 -27.99 14.75
N SER F 60 0.48 -28.99 13.87
CA SER F 60 1.54 -29.06 12.88
C SER F 60 1.28 -28.11 11.71
N PHE F 61 0.01 -27.75 11.49
CA PHE F 61 -0.34 -26.72 10.50
C PHE F 61 0.29 -25.41 10.89
N VAL F 62 0.16 -25.09 12.18
CA VAL F 62 0.72 -23.86 12.71
C VAL F 62 2.24 -23.91 12.67
N ARG F 63 2.82 -25.08 12.92
CA ARG F 63 4.26 -25.21 12.82
C ARG F 63 4.73 -25.00 11.38
N GLN F 64 3.93 -25.40 10.38
CA GLN F 64 4.26 -25.10 8.99
C GLN F 64 4.23 -23.59 8.72
N LEU F 65 3.25 -22.89 9.30
CA LEU F 65 3.24 -21.44 9.18
C LEU F 65 4.51 -20.85 9.77
N ASN F 66 4.92 -21.35 10.93
CA ASN F 66 6.12 -20.86 11.56
C ASN F 66 7.35 -21.14 10.69
N MET F 67 7.36 -22.31 10.05
CA MET F 67 8.49 -22.72 9.22
C MET F 67 8.72 -21.74 8.07
N TYR F 68 7.64 -21.13 7.59
CA TYR F 68 7.73 -20.19 6.46
C TYR F 68 7.81 -18.74 6.92
N GLY F 69 7.97 -18.53 8.22
CA GLY F 69 8.18 -17.20 8.76
C GLY F 69 6.93 -16.36 8.98
N PHE F 70 5.76 -17.01 8.95
CA PHE F 70 4.54 -16.29 9.31
C PHE F 70 4.63 -15.86 10.76
N ARG F 71 4.02 -14.73 11.08
CA ARG F 71 3.94 -14.30 12.47
C ARG F 71 2.49 -14.23 12.91
N LYS F 72 2.31 -14.12 14.22
CA LYS F 72 0.97 -14.04 14.81
C LYS F 72 0.72 -12.61 15.26
N VAL F 73 -0.52 -12.15 15.10
CA VAL F 73 -0.91 -10.80 15.51
C VAL F 73 -1.75 -10.92 16.77
N VAL F 74 -1.30 -10.28 17.86
CA VAL F 74 -1.98 -10.43 19.15
C VAL F 74 -2.24 -9.10 19.83
N HIS F 75 -3.11 -9.13 20.84
CA HIS F 75 -3.42 -7.92 21.59
C HIS F 75 -2.24 -7.50 22.45
N ILE F 76 -2.16 -6.21 22.72
CA ILE F 76 -1.13 -5.67 23.60
C ILE F 76 -1.54 -5.86 25.06
N ASP F 88 -10.27 -16.79 17.92
CA ASP F 88 -9.84 -15.91 16.84
C ASP F 88 -8.35 -15.68 16.85
N THR F 89 -7.69 -16.12 15.78
CA THR F 89 -6.25 -15.97 15.66
C THR F 89 -5.89 -15.41 14.28
N GLU F 90 -4.88 -14.55 14.26
CA GLU F 90 -4.52 -13.81 13.07
C GLU F 90 -3.06 -14.08 12.75
N PHE F 91 -2.77 -14.42 11.50
CA PHE F 91 -1.41 -14.66 11.03
C PHE F 91 -1.05 -13.72 9.89
N GLN F 92 0.23 -13.54 9.64
CA GLN F 92 0.63 -12.74 8.51
C GLN F 92 2.06 -13.01 8.08
N HIS F 93 2.35 -12.64 6.84
CA HIS F 93 3.68 -12.73 6.27
C HIS F 93 3.83 -11.60 5.24
N PRO F 94 4.98 -10.91 5.20
CA PRO F 94 5.08 -9.77 4.26
C PRO F 94 4.89 -10.16 2.80
N CYS F 95 5.07 -11.44 2.45
CA CYS F 95 4.92 -11.89 1.06
C CYS F 95 3.64 -12.70 0.83
N PHE F 96 2.71 -12.65 1.77
CA PHE F 96 1.45 -13.37 1.69
C PHE F 96 0.32 -12.35 1.70
N LEU F 97 0.01 -11.80 0.53
CA LEU F 97 -0.88 -10.66 0.44
C LEU F 97 -2.02 -10.92 -0.53
N ARG F 98 -3.17 -10.33 -0.24
CA ARG F 98 -4.31 -10.41 -1.14
C ARG F 98 -3.95 -9.89 -2.53
N GLY F 99 -4.30 -10.66 -3.55
CA GLY F 99 -4.14 -10.24 -4.93
C GLY F 99 -2.71 -10.19 -5.42
N GLN F 100 -1.78 -10.77 -4.67
CA GLN F 100 -0.37 -10.75 -5.02
C GLN F 100 0.24 -12.14 -4.87
N GLU F 101 -0.36 -13.13 -5.53
CA GLU F 101 0.07 -14.51 -5.36
C GLU F 101 1.50 -14.74 -5.87
N GLN F 102 1.95 -13.89 -6.78
CA GLN F 102 3.31 -14.04 -7.29
C GLN F 102 4.35 -13.82 -6.17
N LEU F 103 3.95 -13.16 -5.09
CA LEU F 103 4.89 -12.91 -3.98
C LEU F 103 5.27 -14.17 -3.18
N LEU F 104 4.48 -15.23 -3.30
CA LEU F 104 4.81 -16.49 -2.63
C LEU F 104 6.19 -16.99 -3.05
N GLU F 105 6.64 -16.60 -4.23
CA GLU F 105 7.94 -17.01 -4.73
C GLU F 105 9.08 -16.59 -3.82
N ASN F 106 8.83 -15.59 -2.98
CA ASN F 106 9.89 -15.01 -2.17
C ASN F 106 9.91 -15.58 -0.75
N ILE F 107 8.89 -16.37 -0.44
CA ILE F 107 8.79 -17.00 0.87
C ILE F 107 9.80 -18.13 1.01
N LYS F 108 10.61 -18.08 2.04
CA LYS F 108 11.62 -19.09 2.28
C LYS F 108 11.45 -19.67 3.68
N ARG F 109 11.91 -20.89 3.88
CA ARG F 109 11.96 -21.47 5.21
C ARG F 109 12.90 -20.68 6.08
N LYS F 110 12.59 -20.60 7.36
CA LYS F 110 13.36 -19.79 8.29
C LYS F 110 13.31 -20.36 9.70
#